data_3SOV
#
_entry.id   3SOV
#
_cell.length_a   103.567
_cell.length_b   47.090
_cell.length_c   68.720
_cell.angle_alpha   90.00
_cell.angle_beta   97.68
_cell.angle_gamma   90.00
#
_symmetry.space_group_name_H-M   'C 1 2 1'
#
loop_
_entity.id
_entity.type
_entity.pdbx_description
1 polymer 'Low-density lipoprotein receptor-related protein 6'
2 polymer Sclerostin
3 non-polymer 2-acetamido-2-deoxy-beta-D-glucopyranose
4 non-polymer alpha-L-fucopyranose
5 non-polymer GLYCEROL
6 water water
#
loop_
_entity_poly.entity_id
_entity_poly.type
_entity_poly.pdbx_seq_one_letter_code
_entity_poly.pdbx_strand_id
1 'polypeptide(L)'
;AGSAPLLLYANRRDLRLVDATNGKENATIVVGGLEDAAAVDFVFSHGLIYWSDVSEEAIKRTEFNKTESVQNVVVSGLLS
PDGLACDWLGEKLYWTDSETNRIEVSNLDGSLRKVLFWQELDQPRAIALDPSSGFMYWTDWGEVPKIERAGMDGSSRFII
INSEIYWPNGLTLDYEEQKLYWADAKLNFIHKSNLDGTNRQAVVKGSLPHPFALTLFEDILYWTDWSTHSILACNKYTGE
GLREIHSDIFSPMDIHAFSQQRQPNATNPCGIDNGGCSHLCLMSPVKPFYQCACPTGVKLLENGKTCKDGNSHHHHHH
;
A
2 'polypeptide(L)' (ACE)LPNAIGR(NH2) Z
#
# COMPACT_ATOMS: atom_id res chain seq x y z
N ALA A 4 -5.33 11.68 17.24
CA ALA A 4 -4.20 10.81 16.88
C ALA A 4 -4.61 9.34 16.91
N PRO A 5 -4.32 8.66 15.82
CA PRO A 5 -4.92 7.34 15.62
C PRO A 5 -4.03 6.27 16.17
N LEU A 6 -4.51 5.04 16.12
CA LEU A 6 -3.59 3.92 16.25
C LEU A 6 -2.84 3.78 14.94
N LEU A 7 -1.59 3.34 15.04
CA LEU A 7 -0.74 3.05 13.89
C LEU A 7 -0.43 1.57 13.86
N LEU A 8 -0.75 0.93 12.75
CA LEU A 8 -0.45 -0.48 12.52
C LEU A 8 0.84 -0.57 11.72
N TYR A 9 1.82 -1.34 12.21
CA TYR A 9 3.09 -1.45 11.48
C TYR A 9 3.60 -2.88 11.50
N ALA A 10 4.20 -3.25 10.39
CA ALA A 10 4.96 -4.51 10.30
C ALA A 10 6.35 -4.32 10.88
N ASN A 11 6.89 -5.41 11.41
CA ASN A 11 8.10 -5.36 12.22
C ASN A 11 8.92 -6.62 12.08
N ARG A 12 8.77 -7.26 10.91
CA ARG A 12 9.44 -8.52 10.56
C ARG A 12 8.96 -9.76 11.35
N ARG A 13 9.15 -9.73 12.67
N ARG A 13 9.18 -9.74 12.65
CA ARG A 13 8.79 -10.87 13.52
CA ARG A 13 8.79 -10.89 13.47
C ARG A 13 7.42 -10.71 14.14
C ARG A 13 7.37 -10.79 13.94
N ASP A 14 6.74 -9.62 13.81
CA ASP A 14 5.38 -9.47 14.26
C ASP A 14 4.74 -8.28 13.58
N LEU A 15 3.43 -8.07 13.80
CA LEU A 15 2.72 -6.82 13.43
C LEU A 15 2.31 -6.19 14.76
N ARG A 16 2.36 -4.87 14.84
CA ARG A 16 2.10 -4.18 16.12
C ARG A 16 1.13 -3.03 15.88
N LEU A 17 0.47 -2.61 16.97
CA LEU A 17 -0.34 -1.40 16.98
C LEU A 17 0.23 -0.52 18.11
N VAL A 18 0.37 0.76 17.83
CA VAL A 18 0.77 1.70 18.84
C VAL A 18 -0.16 2.89 18.76
N ASP A 19 -0.54 3.40 19.93
CA ASP A 19 -1.32 4.60 19.98
C ASP A 19 -0.41 5.79 19.73
N ALA A 20 -0.71 6.61 18.74
CA ALA A 20 0.18 7.69 18.37
C ALA A 20 0.19 8.82 19.39
N THR A 21 -0.77 8.82 20.30
CA THR A 21 -0.80 9.84 21.36
C THR A 21 0.03 9.39 22.54
N ASN A 22 0.50 8.14 22.49
CA ASN A 22 1.21 7.50 23.59
C ASN A 22 2.24 6.48 23.12
N GLY A 23 3.08 6.85 22.15
CA GLY A 23 4.09 5.96 21.60
C GLY A 23 5.26 5.65 22.53
N LYS A 24 5.29 6.32 23.69
CA LYS A 24 6.26 6.00 24.74
C LYS A 24 5.98 4.61 25.31
N GLU A 25 4.70 4.27 25.46
CA GLU A 25 4.27 2.95 25.88
C GLU A 25 4.74 1.89 24.88
N ASN A 26 4.75 0.64 25.29
CA ASN A 26 5.12 -0.42 24.38
C ASN A 26 3.93 -0.78 23.45
N ALA A 27 4.24 -1.08 22.21
CA ALA A 27 3.21 -1.40 21.25
C ALA A 27 2.53 -2.70 21.69
N THR A 28 1.32 -2.95 21.20
CA THR A 28 0.74 -4.26 21.37
C THR A 28 0.96 -5.11 20.11
N ILE A 29 1.26 -6.37 20.35
CA ILE A 29 1.43 -7.29 19.23
C ILE A 29 0.04 -7.79 18.72
N VAL A 30 -0.24 -7.56 17.45
CA VAL A 30 -1.49 -7.99 16.85
C VAL A 30 -1.32 -9.42 16.38
N VAL A 31 -0.19 -9.71 15.75
CA VAL A 31 0.12 -11.05 15.29
C VAL A 31 1.57 -11.30 15.52
N GLY A 32 1.92 -12.41 16.16
CA GLY A 32 3.31 -12.74 16.40
C GLY A 32 3.76 -14.00 15.67
N GLY A 33 5.03 -14.35 15.82
CA GLY A 33 5.59 -15.56 15.23
C GLY A 33 5.81 -15.50 13.73
N LEU A 34 6.11 -14.30 13.22
CA LEU A 34 6.29 -14.10 11.79
C LEU A 34 7.76 -14.18 11.47
N GLU A 35 8.11 -14.47 10.23
CA GLU A 35 9.53 -14.54 9.83
C GLU A 35 10.05 -13.21 9.33
N ASP A 36 9.46 -12.70 8.26
CA ASP A 36 9.91 -11.43 7.69
C ASP A 36 8.72 -10.66 7.16
N ALA A 37 7.82 -10.25 8.06
CA ALA A 37 6.68 -9.42 7.69
C ALA A 37 7.16 -8.06 7.23
N ALA A 38 6.70 -7.67 6.07
CA ALA A 38 7.19 -6.47 5.41
C ALA A 38 6.06 -5.47 5.07
N ALA A 39 5.15 -5.84 4.20
CA ALA A 39 4.00 -5.01 3.84
C ALA A 39 2.85 -5.31 4.75
N VAL A 40 1.97 -4.33 4.97
CA VAL A 40 0.79 -4.53 5.80
C VAL A 40 -0.33 -3.63 5.32
N ASP A 41 -1.57 -4.11 5.43
CA ASP A 41 -2.74 -3.26 5.19
C ASP A 41 -3.95 -3.95 5.86
N PHE A 42 -5.14 -3.38 5.68
CA PHE A 42 -6.30 -3.87 6.40
C PHE A 42 -7.55 -3.65 5.59
N VAL A 43 -8.63 -4.33 5.97
CA VAL A 43 -9.96 -4.01 5.51
C VAL A 43 -10.75 -3.84 6.80
N PHE A 44 -10.93 -2.59 7.25
CA PHE A 44 -11.47 -2.35 8.56
C PHE A 44 -12.90 -2.96 8.73
N SER A 45 -13.76 -2.71 7.75
CA SER A 45 -15.17 -3.15 7.85
C SER A 45 -15.33 -4.67 7.90
N HIS A 46 -14.33 -5.39 7.39
CA HIS A 46 -14.33 -6.86 7.39
C HIS A 46 -13.54 -7.42 8.57
N GLY A 47 -12.93 -6.56 9.38
CA GLY A 47 -12.10 -7.07 10.46
C GLY A 47 -10.90 -7.86 10.02
N LEU A 48 -10.27 -7.44 8.92
CA LEU A 48 -9.10 -8.16 8.39
C LEU A 48 -7.84 -7.33 8.43
N ILE A 49 -6.73 -7.98 8.77
CA ILE A 49 -5.37 -7.40 8.54
C ILE A 49 -4.60 -8.34 7.64
N TYR A 50 -3.93 -7.79 6.61
CA TYR A 50 -3.14 -8.57 5.67
C TYR A 50 -1.68 -8.19 5.82
N TRP A 51 -0.79 -9.12 5.56
CA TRP A 51 0.64 -8.77 5.50
C TRP A 51 1.37 -9.61 4.51
N SER A 52 2.52 -9.13 4.03
CA SER A 52 3.42 -9.94 3.23
C SER A 52 4.57 -10.43 4.10
N ASP A 53 5.09 -11.58 3.74
CA ASP A 53 6.28 -12.14 4.35
C ASP A 53 7.27 -12.48 3.27
N VAL A 54 8.40 -11.79 3.23
CA VAL A 54 9.34 -11.94 2.13
C VAL A 54 10.22 -13.17 2.28
N SER A 55 10.16 -13.83 3.43
CA SER A 55 10.83 -15.13 3.56
C SER A 55 9.90 -16.29 3.31
N GLU A 56 8.66 -16.21 3.75
CA GLU A 56 7.66 -17.23 3.45
C GLU A 56 7.06 -17.08 2.06
N GLU A 57 7.39 -15.98 1.37
CA GLU A 57 7.00 -15.76 -0.01
C GLU A 57 5.50 -15.87 -0.14
N ALA A 58 4.80 -15.05 0.64
CA ALA A 58 3.35 -15.19 0.80
C ALA A 58 2.72 -13.89 1.31
N ILE A 59 1.43 -13.76 1.06
CA ILE A 59 0.56 -12.83 1.73
C ILE A 59 -0.38 -13.65 2.61
N LYS A 60 -0.53 -13.19 3.84
CA LYS A 60 -1.39 -13.80 4.83
C LYS A 60 -2.41 -12.83 5.37
N ARG A 61 -3.38 -13.35 6.10
CA ARG A 61 -4.35 -12.50 6.78
C ARG A 61 -4.74 -13.03 8.12
N THR A 62 -5.30 -12.13 8.95
CA THR A 62 -5.83 -12.46 10.26
C THR A 62 -7.09 -11.67 10.47
N GLU A 63 -7.97 -12.23 11.30
CA GLU A 63 -9.27 -11.65 11.67
C GLU A 63 -9.15 -10.96 13.02
N PHE A 64 -9.00 -9.63 13.00
CA PHE A 64 -8.59 -8.89 14.21
C PHE A 64 -9.70 -8.68 15.26
N ASN A 65 -10.94 -8.93 14.89
CA ASN A 65 -12.05 -8.87 15.84
C ASN A 65 -12.38 -10.21 16.47
N LYS A 66 -11.68 -11.27 16.08
CA LYS A 66 -11.88 -12.58 16.71
C LYS A 66 -10.77 -12.84 17.69
N THR A 67 -11.11 -13.53 18.77
CA THR A 67 -10.10 -14.11 19.65
C THR A 67 -9.58 -15.40 19.03
N GLU A 68 -8.28 -15.65 19.19
CA GLU A 68 -7.68 -16.85 18.64
C GLU A 68 -8.24 -17.14 17.25
N SER A 69 -7.92 -16.25 16.32
CA SER A 69 -8.06 -16.57 14.91
C SER A 69 -6.66 -16.82 14.36
N VAL A 70 -6.54 -17.81 13.49
CA VAL A 70 -5.24 -18.16 12.96
C VAL A 70 -4.69 -17.13 11.93
N GLN A 71 -3.42 -17.33 11.55
CA GLN A 71 -2.85 -16.72 10.35
C GLN A 71 -3.25 -17.65 9.24
N ASN A 72 -3.64 -17.09 8.12
CA ASN A 72 -4.12 -17.86 6.98
C ASN A 72 -3.41 -17.36 5.74
N VAL A 73 -2.71 -18.25 5.05
CA VAL A 73 -2.09 -17.91 3.78
C VAL A 73 -3.13 -17.70 2.71
N VAL A 74 -3.18 -16.53 2.05
N VAL A 74 -3.03 -16.54 2.08
CA VAL A 74 -4.11 -16.32 0.91
CA VAL A 74 -3.95 -16.09 1.09
C VAL A 74 -3.40 -16.24 -0.45
C VAL A 74 -3.36 -16.34 -0.30
N VAL A 75 -2.13 -15.89 -0.51
CA VAL A 75 -1.41 -15.95 -1.78
C VAL A 75 -0.02 -16.47 -1.51
N SER A 76 0.42 -17.45 -2.30
CA SER A 76 1.71 -18.11 -2.10
C SER A 76 2.55 -18.04 -3.37
N GLY A 77 3.82 -18.39 -3.27
CA GLY A 77 4.71 -18.34 -4.40
C GLY A 77 5.15 -16.92 -4.84
N LEU A 78 5.14 -15.96 -3.90
CA LEU A 78 5.48 -14.58 -4.21
C LEU A 78 6.94 -14.38 -3.87
N LEU A 79 7.80 -14.26 -4.87
CA LEU A 79 9.26 -14.22 -4.62
C LEU A 79 9.72 -13.05 -3.78
N SER A 80 9.14 -11.86 -3.99
CA SER A 80 9.52 -10.69 -3.22
C SER A 80 8.35 -9.70 -3.14
N PRO A 81 7.37 -10.01 -2.29
CA PRO A 81 6.17 -9.18 -2.17
C PRO A 81 6.41 -7.98 -1.28
N ASP A 82 7.04 -6.99 -1.90
CA ASP A 82 7.54 -5.85 -1.15
C ASP A 82 6.50 -4.81 -0.80
N GLY A 83 5.33 -4.85 -1.43
CA GLY A 83 4.28 -3.91 -1.14
C GLY A 83 2.90 -4.55 -1.33
N LEU A 84 1.91 -4.21 -0.50
N LEU A 84 1.91 -3.97 -0.69
CA LEU A 84 0.52 -4.64 -0.77
CA LEU A 84 0.56 -4.53 -0.73
C LEU A 84 -0.46 -3.60 -0.28
C LEU A 84 -0.43 -3.41 -0.46
N ALA A 85 -1.63 -3.58 -0.98
CA ALA A 85 -2.71 -2.66 -0.64
C ALA A 85 -4.03 -3.38 -0.75
N CYS A 86 -4.92 -3.09 0.21
CA CYS A 86 -6.25 -3.67 0.23
C CYS A 86 -7.25 -2.70 -0.36
N ASP A 87 -8.02 -3.16 -1.34
CA ASP A 87 -9.14 -2.38 -1.89
C ASP A 87 -10.37 -2.73 -1.07
N TRP A 88 -10.66 -1.89 -0.08
CA TRP A 88 -11.75 -2.11 0.86
C TRP A 88 -13.16 -1.86 0.24
N LEU A 89 -13.22 -1.37 -1.00
CA LEU A 89 -14.47 -1.05 -1.66
C LEU A 89 -14.83 -2.17 -2.64
N GLY A 90 -13.93 -2.44 -3.58
CA GLY A 90 -14.12 -3.52 -4.52
C GLY A 90 -13.78 -4.89 -3.96
N GLU A 91 -13.16 -4.95 -2.77
CA GLU A 91 -12.83 -6.19 -2.03
C GLU A 91 -11.76 -6.98 -2.85
N LYS A 92 -10.59 -6.39 -2.93
CA LYS A 92 -9.50 -6.97 -3.74
C LYS A 92 -8.18 -6.74 -3.02
N LEU A 93 -7.16 -7.46 -3.45
N LEU A 93 -7.24 -7.63 -3.23
CA LEU A 93 -5.85 -7.44 -2.83
CA LEU A 93 -5.84 -7.36 -2.90
C LEU A 93 -4.88 -7.17 -3.92
C LEU A 93 -5.04 -6.97 -4.09
N TYR A 94 -4.11 -6.06 -3.85
CA TYR A 94 -3.11 -5.69 -4.85
C TYR A 94 -1.75 -5.82 -4.26
N TRP A 95 -0.76 -6.23 -5.03
CA TRP A 95 0.60 -6.30 -4.50
C TRP A 95 1.66 -6.10 -5.59
N THR A 96 2.86 -5.68 -5.15
CA THR A 96 4.00 -5.58 -6.02
C THR A 96 4.94 -6.76 -5.72
N ASP A 97 5.75 -7.09 -6.72
CA ASP A 97 6.78 -8.13 -6.54
C ASP A 97 8.01 -7.66 -7.26
N SER A 98 9.05 -7.38 -6.49
CA SER A 98 10.25 -6.80 -7.06
C SER A 98 11.23 -7.82 -7.60
N GLU A 99 10.92 -9.11 -7.54
N GLU A 99 10.89 -9.10 -7.55
CA GLU A 99 11.76 -10.07 -8.24
CA GLU A 99 11.72 -10.13 -8.16
C GLU A 99 11.11 -10.47 -9.56
C GLU A 99 11.14 -10.62 -9.47
N THR A 100 9.82 -10.80 -9.53
CA THR A 100 9.12 -11.14 -10.76
C THR A 100 8.73 -9.88 -11.55
N ASN A 101 8.93 -8.72 -10.92
CA ASN A 101 8.66 -7.43 -11.61
C ASN A 101 7.25 -7.26 -12.10
N ARG A 102 6.31 -7.40 -11.17
N ARG A 102 6.30 -7.20 -11.18
CA ARG A 102 4.90 -7.50 -11.47
CA ARG A 102 4.94 -7.17 -11.58
C ARG A 102 4.06 -6.67 -10.46
C ARG A 102 4.04 -6.69 -10.45
N ILE A 103 2.85 -6.32 -10.89
CA ILE A 103 1.75 -5.84 -10.04
C ILE A 103 0.59 -6.76 -10.38
N GLU A 104 -0.09 -7.23 -9.36
N GLU A 104 0.06 -7.38 -9.32
CA GLU A 104 -1.16 -8.18 -9.54
CA GLU A 104 -0.97 -8.40 -9.38
C GLU A 104 -2.30 -7.80 -8.66
C GLU A 104 -2.14 -8.15 -8.39
N VAL A 105 -3.35 -8.56 -8.82
CA VAL A 105 -4.56 -8.43 -7.99
C VAL A 105 -5.24 -9.76 -7.80
N SER A 106 -5.98 -9.88 -6.72
CA SER A 106 -6.80 -11.04 -6.49
C SER A 106 -8.01 -10.65 -5.61
N ASN A 107 -8.94 -11.58 -5.40
CA ASN A 107 -9.97 -11.37 -4.42
C ASN A 107 -9.35 -11.45 -3.04
N LEU A 108 -10.12 -11.05 -2.04
CA LEU A 108 -9.62 -11.01 -0.63
C LEU A 108 -9.19 -12.38 -0.12
N ASP A 109 -9.75 -13.45 -0.68
CA ASP A 109 -9.37 -14.82 -0.33
C ASP A 109 -8.27 -15.37 -1.22
N GLY A 110 -7.67 -14.53 -2.07
CA GLY A 110 -6.58 -14.97 -2.92
C GLY A 110 -7.02 -15.59 -4.23
N SER A 111 -8.32 -15.76 -4.44
CA SER A 111 -8.80 -16.37 -5.69
C SER A 111 -8.76 -15.39 -6.85
N LEU A 112 -8.78 -15.99 -8.05
CA LEU A 112 -8.91 -15.24 -9.30
C LEU A 112 -7.74 -14.27 -9.50
N ARG A 113 -6.52 -14.78 -9.30
CA ARG A 113 -5.32 -13.95 -9.46
C ARG A 113 -5.18 -13.47 -10.89
N LYS A 114 -4.85 -12.20 -11.06
CA LYS A 114 -4.67 -11.59 -12.39
C LYS A 114 -3.46 -10.68 -12.35
N VAL A 115 -2.47 -10.96 -13.17
CA VAL A 115 -1.37 -10.01 -13.33
C VAL A 115 -1.83 -8.79 -14.10
N LEU A 116 -1.63 -7.62 -13.53
CA LEU A 116 -2.05 -6.37 -14.17
C LEU A 116 -0.93 -5.75 -14.99
N PHE A 117 0.28 -5.67 -14.41
CA PHE A 117 1.43 -5.08 -15.10
C PHE A 117 2.61 -6.00 -14.93
N TRP A 118 3.39 -6.14 -16.00
CA TRP A 118 4.56 -7.00 -15.93
C TRP A 118 5.70 -6.49 -16.76
N GLN A 119 5.59 -5.30 -17.31
CA GLN A 119 6.58 -4.67 -18.15
C GLN A 119 6.95 -3.34 -17.53
N GLU A 120 8.20 -2.97 -17.75
CA GLU A 120 8.75 -1.69 -17.31
C GLU A 120 8.66 -1.51 -15.80
N LEU A 121 8.92 -2.59 -15.06
CA LEU A 121 9.06 -2.56 -13.61
C LEU A 121 10.42 -3.12 -13.27
N ASP A 122 11.09 -2.52 -12.29
CA ASP A 122 12.41 -2.95 -11.91
C ASP A 122 12.47 -3.23 -10.41
N GLN A 123 12.20 -2.21 -9.60
CA GLN A 123 12.12 -2.38 -8.15
C GLN A 123 10.81 -1.75 -7.64
N PRO A 124 9.67 -2.31 -8.10
CA PRO A 124 8.42 -1.78 -7.57
C PRO A 124 8.36 -1.97 -6.05
N ARG A 125 7.73 -1.02 -5.36
CA ARG A 125 7.66 -1.12 -3.89
C ARG A 125 6.30 -0.72 -3.36
N ALA A 126 6.11 0.56 -3.02
CA ALA A 126 4.86 0.97 -2.36
C ALA A 126 3.71 0.99 -3.36
N ILE A 127 2.52 0.78 -2.82
CA ILE A 127 1.33 0.82 -3.62
C ILE A 127 0.21 1.35 -2.74
N ALA A 128 -0.56 2.30 -3.29
CA ALA A 128 -1.66 2.91 -2.57
C ALA A 128 -2.86 3.02 -3.51
N LEU A 129 -4.06 2.92 -2.95
CA LEU A 129 -5.27 2.87 -3.76
C LEU A 129 -6.21 4.02 -3.42
N ASP A 130 -6.94 4.46 -4.44
CA ASP A 130 -8.06 5.39 -4.26
C ASP A 130 -9.29 4.73 -4.86
N PRO A 131 -9.88 3.76 -4.16
CA PRO A 131 -10.90 2.90 -4.74
C PRO A 131 -12.11 3.64 -5.30
N SER A 132 -12.57 4.71 -4.68
N SER A 132 -12.54 4.72 -4.68
CA SER A 132 -13.76 5.38 -5.17
CA SER A 132 -13.75 5.39 -5.14
C SER A 132 -13.48 6.16 -6.46
C SER A 132 -13.48 6.27 -6.36
N SER A 133 -12.20 6.42 -6.72
CA SER A 133 -11.80 7.05 -7.98
C SER A 133 -11.24 6.04 -8.99
N GLY A 134 -11.06 4.79 -8.58
CA GLY A 134 -10.60 3.77 -9.51
C GLY A 134 -9.13 3.87 -9.91
N PHE A 135 -8.33 4.56 -9.11
CA PHE A 135 -6.90 4.68 -9.39
C PHE A 135 -6.01 3.99 -8.35
N MET A 136 -4.86 3.53 -8.85
N MET A 136 -4.93 3.36 -8.81
CA MET A 136 -3.82 2.93 -8.04
CA MET A 136 -3.84 2.92 -7.93
C MET A 136 -2.53 3.67 -8.34
C MET A 136 -2.60 3.69 -8.28
N TYR A 137 -1.64 3.73 -7.34
CA TYR A 137 -0.40 4.50 -7.41
C TYR A 137 0.70 3.58 -6.91
N TRP A 138 1.90 3.61 -7.53
CA TRP A 138 2.99 2.82 -6.96
C TRP A 138 4.32 3.50 -7.20
N THR A 139 5.29 3.06 -6.44
CA THR A 139 6.67 3.54 -6.64
C THR A 139 7.55 2.43 -7.23
N ASP A 140 8.66 2.85 -7.83
CA ASP A 140 9.65 1.92 -8.32
C ASP A 140 10.99 2.65 -8.09
N TRP A 141 11.88 2.01 -7.30
CA TRP A 141 13.18 2.58 -6.92
C TRP A 141 14.30 1.98 -7.74
N GLY A 142 14.00 1.47 -8.93
CA GLY A 142 14.97 0.77 -9.77
C GLY A 142 15.75 1.73 -10.65
N GLU A 143 16.23 1.19 -11.75
CA GLU A 143 17.11 1.94 -12.61
C GLU A 143 16.48 3.17 -13.19
N VAL A 144 15.14 3.15 -13.37
CA VAL A 144 14.38 4.33 -13.73
C VAL A 144 13.43 4.66 -12.63
N PRO A 145 13.91 5.43 -11.66
CA PRO A 145 13.01 5.61 -10.50
C PRO A 145 11.77 6.46 -10.81
N LYS A 146 10.59 6.14 -10.25
CA LYS A 146 9.38 6.80 -10.72
C LYS A 146 8.26 6.51 -9.74
N ILE A 147 7.23 7.35 -9.87
CA ILE A 147 5.91 7.05 -9.32
C ILE A 147 4.93 6.97 -10.49
N GLU A 148 4.10 5.96 -10.50
CA GLU A 148 3.14 5.78 -11.60
C GLU A 148 1.73 5.72 -11.03
N ARG A 149 0.74 6.00 -11.87
CA ARG A 149 -0.61 5.65 -11.51
C ARG A 149 -1.29 4.97 -12.69
N ALA A 150 -2.31 4.22 -12.37
CA ALA A 150 -3.09 3.51 -13.40
C ALA A 150 -4.44 3.28 -12.85
N GLY A 151 -5.37 2.89 -13.73
CA GLY A 151 -6.61 2.39 -13.24
C GLY A 151 -6.42 1.13 -12.40
N MET A 152 -7.31 0.93 -11.43
CA MET A 152 -7.30 -0.28 -10.63
C MET A 152 -7.73 -1.52 -11.42
N ASP A 153 -8.13 -1.30 -12.66
CA ASP A 153 -8.42 -2.37 -13.63
C ASP A 153 -7.25 -2.59 -14.58
N GLY A 154 -6.11 -1.92 -14.39
CA GLY A 154 -4.96 -2.06 -15.28
C GLY A 154 -4.93 -1.13 -16.48
N SER A 155 -5.88 -0.22 -16.54
CA SER A 155 -5.97 0.73 -17.64
C SER A 155 -5.11 1.96 -17.41
N SER A 156 -4.74 2.63 -18.50
N SER A 156 -4.92 2.72 -18.49
CA SER A 156 -4.29 4.01 -18.46
CA SER A 156 -4.32 4.03 -18.42
C SER A 156 -3.10 4.30 -17.56
C SER A 156 -3.23 4.11 -17.38
N ARG A 157 -2.12 3.42 -17.67
CA ARG A 157 -0.90 3.53 -16.93
C ARG A 157 -0.10 4.74 -17.38
N PHE A 158 0.39 5.51 -16.40
N PHE A 158 0.30 5.60 -16.43
CA PHE A 158 1.05 6.77 -16.65
CA PHE A 158 1.13 6.77 -16.75
C PHE A 158 2.14 7.02 -15.59
C PHE A 158 2.10 7.10 -15.64
N ILE A 159 3.30 7.49 -16.02
CA ILE A 159 4.31 7.93 -15.06
C ILE A 159 3.94 9.34 -14.63
N ILE A 160 3.78 9.57 -13.34
CA ILE A 160 3.41 10.88 -12.82
C ILE A 160 4.55 11.67 -12.18
N ILE A 161 5.60 10.98 -11.70
CA ILE A 161 6.83 11.62 -11.21
C ILE A 161 8.01 10.85 -11.72
N ASN A 162 8.93 11.55 -12.41
CA ASN A 162 10.13 10.86 -12.83
C ASN A 162 11.38 11.69 -12.68
N SER A 163 11.31 12.78 -11.92
CA SER A 163 12.50 13.58 -11.70
C SER A 163 12.65 13.87 -10.19
N GLU A 164 13.85 14.21 -9.75
CA GLU A 164 14.15 14.39 -8.35
C GLU A 164 13.62 13.23 -7.52
N ILE A 165 14.07 12.05 -7.87
CA ILE A 165 13.52 10.82 -7.30
C ILE A 165 14.60 9.76 -7.47
N TYR A 166 14.75 8.93 -6.44
CA TYR A 166 15.81 7.93 -6.47
C TYR A 166 15.44 6.69 -5.64
N TRP A 167 15.12 6.82 -4.36
CA TRP A 167 14.56 5.70 -3.56
C TRP A 167 13.18 6.09 -3.01
N PRO A 168 12.16 6.13 -3.90
CA PRO A 168 10.79 6.41 -3.45
C PRO A 168 10.20 5.18 -2.75
N ASN A 169 10.28 5.18 -1.43
CA ASN A 169 9.87 4.03 -0.62
C ASN A 169 8.48 4.11 -0.09
N GLY A 170 8.06 5.28 0.39
CA GLY A 170 6.78 5.45 1.02
C GLY A 170 5.86 6.25 0.15
N LEU A 171 4.57 5.90 0.21
CA LEU A 171 3.58 6.53 -0.64
C LEU A 171 2.28 6.46 0.06
N THR A 172 1.57 7.58 0.13
CA THR A 172 0.22 7.53 0.68
C THR A 172 -0.63 8.64 0.02
N LEU A 173 -1.92 8.59 0.29
N LEU A 173 -1.93 8.60 0.28
CA LEU A 173 -2.87 9.56 -0.23
CA LEU A 173 -2.87 9.60 -0.23
C LEU A 173 -3.50 10.32 0.92
C LEU A 173 -3.60 10.31 0.88
N ASP A 174 -3.83 11.60 0.67
CA ASP A 174 -4.73 12.36 1.52
C ASP A 174 -6.08 12.39 0.77
N TYR A 175 -7.06 11.63 1.25
CA TYR A 175 -8.34 11.49 0.57
C TYR A 175 -9.15 12.78 0.72
N GLU A 176 -8.96 13.52 1.79
CA GLU A 176 -9.74 14.77 1.97
C GLU A 176 -9.23 15.89 1.07
N GLU A 177 -7.92 16.01 0.94
CA GLU A 177 -7.34 17.08 0.12
C GLU A 177 -7.01 16.70 -1.30
N GLN A 178 -7.10 15.39 -1.60
CA GLN A 178 -6.79 14.87 -2.93
C GLN A 178 -5.34 15.16 -3.27
N LYS A 179 -4.45 14.67 -2.42
CA LYS A 179 -3.01 14.86 -2.59
C LYS A 179 -2.27 13.53 -2.45
N LEU A 180 -1.17 13.43 -3.14
CA LEU A 180 -0.29 12.26 -3.04
C LEU A 180 0.92 12.71 -2.23
N TYR A 181 1.42 11.86 -1.33
CA TYR A 181 2.63 12.14 -0.56
C TYR A 181 3.57 10.97 -0.71
N TRP A 182 4.88 11.25 -0.70
CA TRP A 182 5.86 10.19 -0.83
C TRP A 182 7.14 10.55 -0.08
N ALA A 183 7.87 9.52 0.27
CA ALA A 183 9.13 9.69 0.99
C ALA A 183 10.27 9.06 0.18
N ASP A 184 11.37 9.79 0.05
CA ASP A 184 12.51 9.31 -0.70
C ASP A 184 13.67 9.08 0.23
N ALA A 185 14.12 7.84 0.30
CA ALA A 185 15.17 7.49 1.29
C ALA A 185 16.59 7.86 0.86
N LYS A 186 16.78 8.17 -0.42
CA LYS A 186 18.10 8.56 -0.90
C LYS A 186 18.22 10.09 -0.89
N LEU A 187 17.12 10.76 -1.19
CA LEU A 187 17.12 12.21 -1.18
C LEU A 187 16.66 12.79 0.16
N ASN A 188 16.21 11.93 1.07
CA ASN A 188 16.02 12.29 2.50
C ASN A 188 14.86 13.23 2.75
N PHE A 189 13.76 13.11 1.99
CA PHE A 189 12.67 14.08 2.03
C PHE A 189 11.31 13.47 1.88
N ILE A 190 10.30 14.23 2.22
CA ILE A 190 8.90 13.91 1.92
C ILE A 190 8.31 15.04 1.09
N HIS A 191 7.73 14.71 -0.06
CA HIS A 191 7.08 15.65 -0.93
C HIS A 191 5.62 15.27 -1.12
N LYS A 192 4.87 16.19 -1.71
CA LYS A 192 3.47 16.01 -2.06
C LYS A 192 3.18 16.59 -3.42
N SER A 193 2.06 16.16 -4.02
CA SER A 193 1.64 16.66 -5.29
C SER A 193 0.15 16.42 -5.42
N ASN A 194 -0.44 17.00 -6.47
CA ASN A 194 -1.75 16.55 -6.89
C ASN A 194 -1.66 15.11 -7.33
N LEU A 195 -2.82 14.50 -7.50
CA LEU A 195 -2.91 13.10 -7.86
C LEU A 195 -2.35 12.80 -9.25
N ASP A 196 -2.31 13.79 -10.13
CA ASP A 196 -1.65 13.61 -11.43
C ASP A 196 -0.17 13.98 -11.44
N GLY A 197 0.40 14.23 -10.27
CA GLY A 197 1.80 14.59 -10.16
C GLY A 197 2.10 16.09 -10.28
N THR A 198 1.12 16.89 -10.67
CA THR A 198 1.35 18.32 -10.83
C THR A 198 1.37 19.06 -9.49
N ASN A 199 1.85 20.29 -9.50
CA ASN A 199 1.88 21.11 -8.27
C ASN A 199 2.67 20.45 -7.16
N ARG A 200 3.84 19.93 -7.50
CA ARG A 200 4.65 19.25 -6.52
C ARG A 200 5.20 20.27 -5.49
N GLN A 201 5.30 19.89 -4.22
N GLN A 201 5.26 19.88 -4.22
CA GLN A 201 5.94 20.79 -3.26
CA GLN A 201 5.77 20.74 -3.12
C GLN A 201 6.51 19.99 -2.09
C GLN A 201 6.59 19.89 -2.13
N ALA A 202 7.61 20.49 -1.55
CA ALA A 202 8.32 19.85 -0.47
C ALA A 202 7.53 20.00 0.80
N VAL A 203 7.52 18.97 1.62
CA VAL A 203 6.89 18.98 2.94
C VAL A 203 7.96 18.94 4.00
N VAL A 204 8.73 17.86 4.02
CA VAL A 204 9.92 17.79 4.87
C VAL A 204 11.09 17.87 3.90
N LYS A 205 11.87 18.94 3.95
CA LYS A 205 12.74 19.28 2.83
C LYS A 205 13.98 18.40 2.78
N GLY A 206 14.38 17.83 3.92
CA GLY A 206 15.62 17.05 4.01
C GLY A 206 15.74 16.42 5.38
N SER A 207 16.90 15.79 5.59
CA SER A 207 17.35 15.29 6.89
C SER A 207 16.63 14.05 7.45
N LEU A 208 15.90 13.36 6.60
CA LEU A 208 15.30 12.06 6.99
C LEU A 208 16.28 10.93 6.65
N PRO A 209 16.78 10.17 7.65
CA PRO A 209 17.83 9.21 7.32
C PRO A 209 17.50 8.09 6.33
N HIS A 210 16.42 7.38 6.56
CA HIS A 210 16.04 6.31 5.66
C HIS A 210 14.59 5.96 5.86
N PRO A 211 13.69 6.85 5.43
CA PRO A 211 12.27 6.53 5.52
C PRO A 211 11.90 5.31 4.66
N PHE A 212 11.01 4.46 5.17
CA PHE A 212 10.57 3.29 4.44
C PHE A 212 9.08 3.35 4.05
N ALA A 213 8.19 3.67 4.99
CA ALA A 213 6.77 3.71 4.68
C ALA A 213 6.13 4.91 5.34
N LEU A 214 5.07 5.39 4.71
CA LEU A 214 4.43 6.67 5.02
C LEU A 214 2.91 6.49 5.06
N THR A 215 2.28 7.12 6.06
CA THR A 215 0.83 7.13 6.20
C THR A 215 0.44 8.54 6.69
N LEU A 216 -0.86 8.76 6.89
CA LEU A 216 -1.41 10.09 7.13
C LEU A 216 -2.70 9.95 7.91
N PHE A 217 -2.95 10.88 8.85
CA PHE A 217 -4.21 10.93 9.53
C PHE A 217 -4.45 12.36 9.98
N GLU A 218 -5.59 12.92 9.56
CA GLU A 218 -5.91 14.31 9.86
C GLU A 218 -4.80 15.20 9.31
N ASP A 219 -4.19 16.03 10.15
N ASP A 219 -4.16 16.09 10.07
CA ASP A 219 -3.16 16.93 9.66
CA ASP A 219 -3.09 16.87 9.42
C ASP A 219 -1.72 16.44 9.82
C ASP A 219 -1.69 16.46 9.85
N ILE A 220 -1.54 15.18 10.19
CA ILE A 220 -0.23 14.64 10.55
C ILE A 220 0.22 13.52 9.64
N LEU A 221 1.46 13.58 9.17
CA LEU A 221 2.12 12.43 8.48
C LEU A 221 2.86 11.60 9.49
N TYR A 222 2.90 10.29 9.26
CA TYR A 222 3.64 9.36 10.09
C TYR A 222 4.48 8.46 9.22
N TRP A 223 5.73 8.16 9.59
CA TRP A 223 6.52 7.24 8.76
C TRP A 223 7.44 6.43 9.63
N THR A 224 7.84 5.30 9.06
CA THR A 224 8.90 4.47 9.67
C THR A 224 10.24 4.82 9.05
N ASP A 225 11.30 4.68 9.85
CA ASP A 225 12.64 4.96 9.36
C ASP A 225 13.56 3.79 9.74
N TRP A 226 14.22 3.21 8.74
CA TRP A 226 15.06 2.03 8.92
C TRP A 226 16.32 2.34 9.71
N SER A 227 16.87 3.55 9.61
CA SER A 227 18.10 3.89 10.32
C SER A 227 17.85 4.29 11.77
N THR A 228 16.76 5.04 12.01
CA THR A 228 16.43 5.45 13.41
C THR A 228 15.63 4.41 14.17
N HIS A 229 15.14 3.37 13.48
CA HIS A 229 14.33 2.34 14.14
C HIS A 229 13.16 2.96 14.91
N SER A 230 12.48 3.88 14.25
CA SER A 230 11.40 4.59 14.90
C SER A 230 10.32 5.02 13.92
N ILE A 231 9.21 5.50 14.48
CA ILE A 231 8.13 6.19 13.78
C ILE A 231 8.27 7.68 14.12
N LEU A 232 8.31 8.47 13.07
CA LEU A 232 8.36 9.94 13.13
C LEU A 232 7.02 10.50 12.67
N ALA A 233 6.77 11.78 12.99
CA ALA A 233 5.52 12.48 12.61
C ALA A 233 5.83 13.95 12.34
N CYS A 234 5.02 14.56 11.48
CA CYS A 234 5.10 16.02 11.31
C CYS A 234 3.80 16.54 10.72
N ASN A 235 3.66 17.87 10.69
CA ASN A 235 2.48 18.47 10.11
C ASN A 235 2.51 18.25 8.59
N LYS A 236 1.36 17.88 8.00
CA LYS A 236 1.31 17.50 6.61
C LYS A 236 1.36 18.67 5.66
N TYR A 237 1.14 19.89 6.16
CA TYR A 237 1.22 21.09 5.31
C TYR A 237 2.61 21.72 5.31
N THR A 238 3.22 21.83 6.47
CA THR A 238 4.41 22.64 6.61
C THR A 238 5.66 21.86 6.92
N GLY A 239 5.46 20.59 7.32
CA GLY A 239 6.57 19.78 7.82
C GLY A 239 7.07 20.17 9.20
N GLU A 240 6.38 21.11 9.83
CA GLU A 240 6.79 21.52 11.16
C GLU A 240 6.40 20.49 12.17
N GLY A 241 6.95 20.63 13.38
CA GLY A 241 6.55 19.79 14.50
C GLY A 241 7.07 18.37 14.36
N LEU A 242 8.18 18.25 13.64
N LEU A 242 8.22 18.21 13.74
CA LEU A 242 8.82 16.97 13.34
CA LEU A 242 8.74 16.88 13.49
C LEU A 242 9.17 16.41 14.69
C LEU A 242 9.09 16.25 14.83
N ARG A 243 9.11 15.09 14.84
N ARG A 243 8.43 15.15 15.20
CA ARG A 243 9.24 14.49 16.15
CA ARG A 243 8.73 14.44 16.46
C ARG A 243 9.22 12.97 16.04
C ARG A 243 8.78 12.93 16.31
N GLU A 244 9.63 12.31 17.11
CA GLU A 244 9.70 10.86 17.14
C GLU A 244 8.61 10.41 18.07
N ILE A 245 7.72 9.61 17.49
N ILE A 245 7.67 9.59 17.66
CA ILE A 245 6.47 9.12 18.06
CA ILE A 245 6.68 9.24 18.64
C ILE A 245 6.61 7.84 18.89
C ILE A 245 6.88 7.83 19.20
N HIS A 246 7.57 6.96 18.50
CA HIS A 246 7.73 5.61 19.02
C HIS A 246 9.08 5.08 18.55
N SER A 247 9.91 4.56 19.45
CA SER A 247 11.30 4.23 19.08
C SER A 247 11.70 2.87 19.61
N ASP A 248 12.96 2.51 19.38
CA ASP A 248 13.47 1.20 19.78
C ASP A 248 12.71 0.05 19.14
N ILE A 249 12.36 0.24 17.88
CA ILE A 249 11.60 -0.80 17.16
C ILE A 249 12.60 -1.73 16.48
N PHE A 250 12.37 -3.03 16.62
CA PHE A 250 13.26 -4.01 16.07
C PHE A 250 13.62 -3.81 14.63
N SER A 251 12.59 -3.75 13.79
CA SER A 251 12.81 -3.58 12.35
C SER A 251 11.55 -3.03 11.72
N PRO A 252 11.33 -1.72 11.86
CA PRO A 252 10.03 -1.19 11.35
C PRO A 252 9.90 -1.29 9.84
N MET A 253 8.71 -1.63 9.36
CA MET A 253 8.48 -1.81 7.94
C MET A 253 7.26 -0.98 7.53
N ASP A 254 6.26 -1.57 6.89
CA ASP A 254 5.15 -0.78 6.40
C ASP A 254 4.26 -0.32 7.56
N ILE A 255 3.46 0.73 7.31
CA ILE A 255 2.71 1.37 8.37
C ILE A 255 1.43 1.98 7.81
N HIS A 256 0.35 1.91 8.59
CA HIS A 256 -0.90 2.63 8.27
C HIS A 256 -1.52 3.24 9.51
N ALA A 257 -2.20 4.38 9.35
CA ALA A 257 -3.13 4.84 10.37
C ALA A 257 -4.35 3.88 10.32
N PHE A 258 -4.57 3.20 11.46
CA PHE A 258 -5.51 2.11 11.55
C PHE A 258 -6.87 2.61 12.03
N SER A 259 -7.70 3.01 11.06
CA SER A 259 -8.96 3.70 11.33
C SER A 259 -9.95 3.44 10.24
N GLN A 260 -11.22 3.24 10.57
CA GLN A 260 -12.27 3.21 9.56
C GLN A 260 -12.31 4.48 8.73
N GLN A 261 -11.97 5.63 9.35
CA GLN A 261 -12.04 6.90 8.67
C GLN A 261 -10.99 7.00 7.59
N ARG A 262 -10.02 6.09 7.55
CA ARG A 262 -9.08 6.05 6.42
C ARG A 262 -9.59 5.15 5.29
N GLN A 263 -10.75 4.57 5.48
CA GLN A 263 -11.37 3.74 4.47
C GLN A 263 -12.86 4.15 4.46
N PRO A 264 -13.13 5.42 4.10
CA PRO A 264 -14.52 5.80 4.35
C PRO A 264 -15.55 5.18 3.39
N ASN A 265 -16.78 5.01 3.87
CA ASN A 265 -17.88 4.39 3.14
C ASN A 265 -18.16 5.05 1.79
N ALA A 266 -18.26 4.22 0.75
CA ALA A 266 -18.70 4.69 -0.55
C ALA A 266 -19.50 3.57 -1.21
N THR A 267 -20.27 3.91 -2.23
CA THR A 267 -20.98 2.92 -3.00
C THR A 267 -19.99 2.12 -3.84
N ASN A 268 -20.10 0.80 -3.81
CA ASN A 268 -19.35 -0.04 -4.75
C ASN A 268 -20.06 -0.03 -6.10
N PRO A 269 -19.39 0.47 -7.15
CA PRO A 269 -20.02 0.56 -8.48
C PRO A 269 -20.40 -0.80 -9.06
N CYS A 270 -19.79 -1.88 -8.56
CA CYS A 270 -20.24 -3.25 -8.92
C CYS A 270 -21.61 -3.62 -8.36
N GLY A 271 -22.14 -2.82 -7.45
CA GLY A 271 -23.47 -3.06 -6.94
C GLY A 271 -23.48 -4.35 -6.17
N ILE A 272 -24.60 -5.04 -6.34
CA ILE A 272 -24.89 -6.20 -5.56
C ILE A 272 -24.69 -7.48 -6.38
N ASP A 273 -24.39 -7.35 -7.67
CA ASP A 273 -24.29 -8.53 -8.55
C ASP A 273 -22.92 -8.59 -9.22
N ASN A 274 -21.90 -8.11 -8.51
CA ASN A 274 -20.53 -8.19 -9.03
C ASN A 274 -20.42 -7.54 -10.40
N GLY A 275 -21.20 -6.49 -10.67
CA GLY A 275 -21.10 -5.79 -11.94
C GLY A 275 -21.61 -6.61 -13.12
N GLY A 276 -22.23 -7.75 -12.85
CA GLY A 276 -22.57 -8.71 -13.90
C GLY A 276 -21.34 -9.43 -14.40
N CYS A 277 -20.21 -9.27 -13.74
CA CYS A 277 -18.96 -9.87 -14.15
C CYS A 277 -18.92 -11.30 -13.65
N SER A 278 -18.41 -12.19 -14.47
CA SER A 278 -18.34 -13.59 -14.08
C SER A 278 -17.26 -13.85 -13.05
N HIS A 279 -16.18 -13.07 -13.10
CA HIS A 279 -15.01 -13.33 -12.28
C HIS A 279 -14.69 -12.11 -11.47
N LEU A 280 -13.69 -11.28 -11.87
CA LEU A 280 -13.38 -10.09 -11.11
C LEU A 280 -14.18 -8.88 -11.57
N CYS A 281 -14.64 -8.12 -10.60
CA CYS A 281 -15.20 -6.79 -10.81
C CYS A 281 -14.27 -5.78 -10.14
N LEU A 282 -13.43 -5.14 -10.97
CA LEU A 282 -12.37 -4.24 -10.51
C LEU A 282 -12.83 -2.80 -10.60
N MET A 283 -12.37 -1.96 -9.69
CA MET A 283 -12.63 -0.54 -9.79
C MET A 283 -11.97 0.04 -11.05
N SER A 284 -12.62 1.05 -11.64
CA SER A 284 -12.12 1.68 -12.86
C SER A 284 -12.28 3.19 -12.77
N PRO A 285 -11.35 3.95 -13.35
CA PRO A 285 -11.43 5.42 -13.26
C PRO A 285 -12.41 6.04 -14.21
N VAL A 286 -13.03 5.25 -15.07
CA VAL A 286 -14.02 5.82 -15.97
C VAL A 286 -15.35 5.15 -15.80
N LYS A 287 -16.40 5.89 -16.18
CA LYS A 287 -17.75 5.39 -16.03
C LYS A 287 -17.92 4.03 -16.77
N PRO A 288 -18.62 3.05 -16.15
CA PRO A 288 -19.45 3.09 -14.94
C PRO A 288 -18.68 2.81 -13.65
N PHE A 289 -17.36 2.93 -13.73
CA PHE A 289 -16.44 2.95 -12.57
C PHE A 289 -16.13 1.56 -12.03
N TYR A 290 -16.47 0.55 -12.82
CA TYR A 290 -15.94 -0.81 -12.66
C TYR A 290 -15.63 -1.35 -14.04
N GLN A 291 -14.82 -2.41 -14.04
CA GLN A 291 -14.43 -3.09 -15.26
C GLN A 291 -14.34 -4.57 -14.93
N CYS A 292 -15.04 -5.42 -15.68
CA CYS A 292 -14.89 -6.84 -15.46
C CYS A 292 -13.53 -7.33 -15.88
N ALA A 293 -13.06 -8.38 -15.21
CA ALA A 293 -11.76 -8.91 -15.58
C ALA A 293 -11.70 -10.41 -15.30
N CYS A 294 -10.62 -11.04 -15.73
CA CYS A 294 -10.49 -12.50 -15.68
C CYS A 294 -9.12 -12.84 -15.11
N PRO A 295 -8.97 -14.04 -14.61
CA PRO A 295 -7.66 -14.50 -14.14
C PRO A 295 -6.61 -14.41 -15.23
N THR A 296 -5.35 -14.39 -14.84
CA THR A 296 -4.26 -14.37 -15.79
C THR A 296 -4.48 -15.34 -16.94
N GLY A 297 -4.28 -14.86 -18.17
CA GLY A 297 -4.33 -15.74 -19.34
C GLY A 297 -5.72 -16.01 -19.87
N VAL A 298 -6.75 -15.54 -19.18
CA VAL A 298 -8.10 -15.86 -19.56
C VAL A 298 -8.71 -14.65 -20.29
N LYS A 299 -9.43 -14.91 -21.37
CA LYS A 299 -9.99 -13.86 -22.22
C LYS A 299 -11.37 -13.45 -21.77
N LEU A 300 -11.66 -12.16 -21.84
CA LEU A 300 -12.99 -11.62 -21.60
C LEU A 300 -13.76 -11.65 -22.92
N LEU A 301 -14.98 -12.19 -22.88
CA LEU A 301 -15.84 -12.31 -24.07
C LEU A 301 -16.32 -10.94 -24.53
N GLU A 302 -17.00 -10.93 -25.68
CA GLU A 302 -17.42 -9.70 -26.35
C GLU A 302 -18.41 -8.81 -25.56
N ASN A 303 -19.08 -9.39 -24.56
CA ASN A 303 -20.03 -8.66 -23.75
C ASN A 303 -19.31 -7.81 -22.71
N GLY A 304 -18.01 -7.95 -22.59
CA GLY A 304 -17.30 -7.16 -21.60
C GLY A 304 -17.51 -7.62 -20.15
N LYS A 305 -18.14 -8.78 -19.96
CA LYS A 305 -18.47 -9.23 -18.65
C LYS A 305 -18.08 -10.67 -18.33
N THR A 306 -18.22 -11.56 -19.29
CA THR A 306 -18.10 -12.97 -19.06
C THR A 306 -16.74 -13.47 -19.54
N CYS A 307 -16.01 -14.15 -18.66
CA CYS A 307 -14.72 -14.74 -19.04
C CYS A 307 -14.97 -16.03 -19.79
N LYS A 308 -14.13 -16.27 -20.74
CA LYS A 308 -14.30 -17.46 -21.57
C LYS A 308 -14.28 -18.69 -20.68
N ASP A 309 -15.28 -19.57 -20.72
CA ASP A 309 -15.31 -20.62 -19.67
C ASP A 309 -14.52 -21.89 -20.04
N LEU B 2 22.07 -4.24 -2.59
CA LEU B 2 21.49 -4.48 -1.28
C LEU B 2 21.11 -3.16 -0.57
N PRO B 3 21.87 -2.05 -0.78
CA PRO B 3 21.32 -0.85 -0.13
C PRO B 3 19.85 -0.64 -0.61
N ASN B 4 19.02 -0.36 0.38
CA ASN B 4 17.54 -0.12 0.24
C ASN B 4 16.74 -1.38 -0.02
N ALA B 5 17.38 -2.51 -0.31
CA ALA B 5 16.61 -3.74 -0.54
C ALA B 5 15.98 -4.20 0.78
N ILE B 6 14.83 -4.86 0.68
N ILE B 6 14.81 -4.80 0.77
CA ILE B 6 14.22 -5.45 1.87
CA ILE B 6 14.33 -5.28 2.06
C ILE B 6 15.03 -6.71 2.20
C ILE B 6 14.90 -6.68 2.29
N GLY B 7 15.65 -6.74 3.38
CA GLY B 7 16.55 -7.82 3.74
C GLY B 7 15.83 -9.09 4.09
N ARG B 8 16.59 -10.17 3.99
CA ARG B 8 16.21 -11.50 4.45
C ARG B 8 14.70 -11.72 4.45
#